data_3VQY
#
_entry.id   3VQY
#
_cell.length_a   103.355
_cell.length_b   103.355
_cell.length_c   70.906
_cell.angle_alpha   90.00
_cell.angle_beta   90.00
_cell.angle_gamma   120.00
#
_symmetry.space_group_name_H-M   'P 64'
#
loop_
_entity.id
_entity.type
_entity.pdbx_description
1 polymer 'Pyrrolysine--tRNA ligase'
2 non-polymer 'PHOSPHOAMINOPHOSPHONIC ACID-ADENYLATE ESTER'
3 non-polymer N~6~-(tert-butoxycarbonyl)-L-lysine
4 non-polymer 'MAGNESIUM ION'
5 water water
#
_entity_poly.entity_id   1
_entity_poly.type   'polypeptide(L)'
_entity_poly.pdbx_seq_one_letter_code
;MGSSHHHHHHSSGLVPRGSHMASAPALTKSQTDRLEVLLNPKDEISLNSGKPFRELESELLSRRKKDLQQIYAEERENYL
GKLEREITRFFVDRGFLEIKSPILIPLEYIERMGIDNDTELSKQIFRVDKNFCLRPMLAPNLYNYLRKLDRALPDPIKIF
EIGPCYRKESDGKEHLEEFTMLNFCQMGSGCTRENLESIITDFLNHLGIDFKIVGDSCMVYGDTLDVMHGDLELSSAVVG
PIPLDREWGIDKPWIGAGFGLERLLKVKHDFKNIKRAARSGSYYNGISTNL
;
_entity_poly.pdbx_strand_id   A
#
loop_
_chem_comp.id
_chem_comp.type
_chem_comp.name
_chem_comp.formula
ANP non-polymer 'PHOSPHOAMINOPHOSPHONIC ACID-ADENYLATE ESTER' 'C10 H17 N6 O12 P3'
MG non-polymer 'MAGNESIUM ION' 'Mg 2'
#
# COMPACT_ATOMS: atom_id res chain seq x y z
N PRO A 25 -40.11 0.93 10.63
CA PRO A 25 -40.15 2.26 9.99
C PRO A 25 -38.73 2.81 9.78
N ALA A 26 -38.07 3.15 10.88
CA ALA A 26 -36.71 3.66 10.80
C ALA A 26 -35.74 2.49 10.81
N LEU A 27 -34.71 2.57 9.98
CA LEU A 27 -33.71 1.53 9.89
C LEU A 27 -32.88 1.52 11.17
N THR A 28 -32.57 0.33 11.68
CA THR A 28 -31.75 0.25 12.88
C THR A 28 -30.29 0.49 12.49
N LYS A 29 -29.44 0.76 13.46
CA LYS A 29 -28.05 0.97 13.13
C LYS A 29 -27.51 -0.28 12.44
N SER A 30 -27.81 -1.44 13.01
CA SER A 30 -27.34 -2.72 12.46
C SER A 30 -27.80 -2.92 11.02
N GLN A 31 -29.05 -2.55 10.73
CA GLN A 31 -29.55 -2.68 9.37
C GLN A 31 -28.82 -1.71 8.45
N THR A 32 -28.52 -0.51 8.96
CA THR A 32 -27.80 0.45 8.15
C THR A 32 -26.40 -0.09 7.82
N ASP A 33 -25.74 -0.70 8.81
CA ASP A 33 -24.41 -1.28 8.60
C ASP A 33 -24.43 -2.31 7.49
N ARG A 34 -25.43 -3.19 7.53
CA ARG A 34 -25.60 -4.22 6.52
C ARG A 34 -25.80 -3.61 5.14
N LEU A 35 -26.60 -2.55 5.06
CA LEU A 35 -26.86 -1.88 3.79
C LEU A 35 -25.59 -1.22 3.25
N GLU A 36 -24.80 -0.66 4.15
CA GLU A 36 -23.57 0.01 3.76
C GLU A 36 -22.57 -0.98 3.20
N VAL A 37 -22.62 -2.21 3.70
CA VAL A 37 -21.74 -3.26 3.23
C VAL A 37 -22.09 -3.55 1.76
N LEU A 38 -23.38 -3.59 1.46
CA LEU A 38 -23.85 -3.86 0.11
C LEU A 38 -23.85 -2.59 -0.74
N LEU A 39 -23.58 -1.46 -0.11
CA LEU A 39 -23.60 -0.21 -0.82
C LEU A 39 -22.32 0.10 -1.59
N ASN A 40 -22.48 0.55 -2.83
CA ASN A 40 -21.34 0.92 -3.65
C ASN A 40 -21.35 2.44 -3.85
N PRO A 41 -20.17 3.06 -4.00
CA PRO A 41 -20.06 4.51 -4.20
C PRO A 41 -20.91 5.04 -5.36
N LYS A 42 -21.06 4.24 -6.41
CA LYS A 42 -21.83 4.62 -7.59
C LYS A 42 -23.36 4.68 -7.42
N ASP A 43 -23.89 4.04 -6.38
CA ASP A 43 -25.33 4.03 -6.16
C ASP A 43 -25.90 5.42 -5.87
N GLU A 44 -27.21 5.55 -6.08
CA GLU A 44 -27.92 6.79 -5.82
C GLU A 44 -29.18 6.49 -5.02
N SER A 49 -34.59 7.64 1.35
CA SER A 49 -34.99 6.62 2.30
C SER A 49 -36.49 6.33 2.22
N GLY A 50 -37.04 5.76 3.28
CA GLY A 50 -38.45 5.45 3.32
C GLY A 50 -38.77 3.97 3.22
N LYS A 51 -38.35 3.34 2.13
CA LYS A 51 -38.60 1.92 1.88
C LYS A 51 -38.08 1.06 3.02
N PRO A 52 -38.71 -0.09 3.27
CA PRO A 52 -38.29 -1.01 4.35
C PRO A 52 -36.95 -1.68 4.07
N PHE A 53 -36.29 -2.11 5.14
CA PHE A 53 -34.98 -2.76 5.06
C PHE A 53 -34.91 -3.92 4.08
N ARG A 54 -35.86 -4.85 4.15
CA ARG A 54 -35.86 -6.01 3.27
C ARG A 54 -35.90 -5.62 1.81
N GLU A 55 -36.64 -4.56 1.48
CA GLU A 55 -36.72 -4.11 0.10
C GLU A 55 -35.35 -3.58 -0.30
N LEU A 56 -34.89 -2.56 0.42
CA LEU A 56 -33.59 -1.94 0.16
C LEU A 56 -32.46 -2.96 0.03
N GLU A 57 -32.44 -3.96 0.92
CA GLU A 57 -31.41 -4.99 0.89
C GLU A 57 -31.50 -5.89 -0.34
N SER A 58 -32.73 -6.25 -0.71
CA SER A 58 -32.93 -7.10 -1.88
C SER A 58 -32.50 -6.35 -3.13
N GLU A 59 -32.72 -5.05 -3.13
CA GLU A 59 -32.35 -4.22 -4.26
C GLU A 59 -30.83 -4.22 -4.40
N LEU A 60 -30.15 -3.93 -3.30
CA LEU A 60 -28.69 -3.89 -3.28
C LEU A 60 -28.07 -5.25 -3.59
N LEU A 61 -28.71 -6.31 -3.10
CA LEU A 61 -28.23 -7.67 -3.33
C LEU A 61 -28.23 -8.00 -4.82
N SER A 62 -29.34 -7.75 -5.50
CA SER A 62 -29.41 -8.05 -6.92
C SER A 62 -28.38 -7.22 -7.69
N ARG A 63 -28.09 -6.03 -7.18
CA ARG A 63 -27.10 -5.16 -7.84
C ARG A 63 -25.68 -5.69 -7.75
N ARG A 64 -25.29 -6.14 -6.56
CA ARG A 64 -23.95 -6.66 -6.38
C ARG A 64 -23.72 -7.95 -7.15
N LYS A 65 -24.72 -8.82 -7.16
CA LYS A 65 -24.57 -10.05 -7.90
C LYS A 65 -24.33 -9.64 -9.35
N LYS A 66 -25.06 -8.61 -9.80
CA LYS A 66 -24.92 -8.10 -11.15
C LYS A 66 -23.49 -7.64 -11.43
N ASP A 67 -22.95 -6.83 -10.52
CA ASP A 67 -21.58 -6.33 -10.66
C ASP A 67 -20.61 -7.51 -10.72
N LEU A 68 -20.76 -8.42 -9.77
CA LEU A 68 -19.92 -9.60 -9.69
C LEU A 68 -19.99 -10.37 -10.99
N GLN A 69 -21.22 -10.55 -11.49
CA GLN A 69 -21.42 -11.27 -12.74
C GLN A 69 -20.76 -10.55 -13.90
N GLN A 70 -20.69 -9.24 -13.83
CA GLN A 70 -20.06 -8.47 -14.91
C GLN A 70 -18.55 -8.67 -14.88
N ILE A 71 -17.97 -8.68 -13.68
CA ILE A 71 -16.54 -8.88 -13.54
C ILE A 71 -16.18 -10.26 -14.08
N TYR A 72 -16.99 -11.24 -13.70
CA TYR A 72 -16.76 -12.61 -14.11
C TYR A 72 -16.86 -12.83 -15.62
N ALA A 73 -17.69 -12.02 -16.27
CA ALA A 73 -17.89 -12.16 -17.71
C ALA A 73 -16.91 -11.36 -18.55
N GLU A 74 -16.58 -10.15 -18.09
CA GLU A 74 -15.71 -9.28 -18.86
C GLU A 74 -14.24 -9.18 -18.47
N GLU A 75 -13.94 -8.76 -17.24
CA GLU A 75 -12.54 -8.61 -16.84
C GLU A 75 -11.89 -9.77 -16.07
N ARG A 76 -12.50 -10.17 -14.95
CA ARG A 76 -11.99 -11.28 -14.13
C ARG A 76 -10.69 -10.99 -13.36
N GLU A 77 -10.23 -9.74 -13.39
CA GLU A 77 -9.00 -9.39 -12.68
C GLU A 77 -9.26 -8.82 -11.28
N ASN A 78 -8.41 -9.20 -10.34
CA ASN A 78 -8.51 -8.70 -8.97
C ASN A 78 -7.91 -7.29 -8.88
N TYR A 79 -8.62 -6.37 -8.25
CA TYR A 79 -8.14 -5.01 -8.10
C TYR A 79 -6.72 -4.88 -7.58
N LEU A 80 -6.47 -5.53 -6.46
CA LEU A 80 -5.17 -5.48 -5.82
C LEU A 80 -4.09 -6.00 -6.77
N GLY A 81 -4.37 -7.13 -7.43
CA GLY A 81 -3.42 -7.71 -8.35
C GLY A 81 -3.22 -6.82 -9.56
N LYS A 82 -4.32 -6.33 -10.11
CA LYS A 82 -4.28 -5.46 -11.27
C LYS A 82 -3.48 -4.20 -10.96
N LEU A 83 -3.65 -3.67 -9.75
CA LEU A 83 -2.91 -2.47 -9.37
C LEU A 83 -1.42 -2.78 -9.32
N GLU A 84 -1.07 -3.88 -8.66
CA GLU A 84 0.32 -4.28 -8.59
C GLU A 84 0.93 -4.36 -10.00
N ARG A 85 0.24 -5.02 -10.91
CA ARG A 85 0.77 -5.14 -12.28
C ARG A 85 0.88 -3.76 -12.94
N GLU A 86 -0.06 -2.87 -12.66
CA GLU A 86 -0.02 -1.51 -13.23
C GLU A 86 1.20 -0.78 -12.64
N ILE A 87 1.43 -0.92 -11.33
CA ILE A 87 2.57 -0.26 -10.69
C ILE A 87 3.87 -0.85 -11.25
N THR A 88 3.91 -2.17 -11.44
CA THR A 88 5.11 -2.81 -11.95
C THR A 88 5.48 -2.30 -13.34
N ARG A 89 4.50 -2.21 -14.23
CA ARG A 89 4.77 -1.73 -15.57
C ARG A 89 5.28 -0.30 -15.50
N PHE A 90 4.70 0.49 -14.60
CA PHE A 90 5.11 1.87 -14.48
C PHE A 90 6.60 2.01 -14.19
N PHE A 91 7.05 1.39 -13.12
CA PHE A 91 8.47 1.47 -12.73
C PHE A 91 9.42 0.70 -13.65
N VAL A 92 8.98 -0.43 -14.16
CA VAL A 92 9.85 -1.19 -15.06
C VAL A 92 10.16 -0.33 -16.30
N ASP A 93 9.14 0.35 -16.83
CA ASP A 93 9.33 1.20 -18.00
C ASP A 93 10.23 2.39 -17.68
N ARG A 94 10.26 2.77 -16.41
CA ARG A 94 11.07 3.89 -15.98
C ARG A 94 12.48 3.51 -15.52
N GLY A 95 12.90 2.28 -15.85
CA GLY A 95 14.23 1.84 -15.50
C GLY A 95 14.47 1.26 -14.12
N PHE A 96 13.42 0.90 -13.39
CA PHE A 96 13.61 0.32 -12.07
C PHE A 96 13.57 -1.20 -12.15
N LEU A 97 14.42 -1.86 -11.33
CA LEU A 97 14.49 -3.32 -11.29
C LEU A 97 13.43 -3.88 -10.34
N GLU A 98 12.62 -4.82 -10.82
CA GLU A 98 11.57 -5.45 -10.03
C GLU A 98 12.15 -6.44 -9.04
N ILE A 99 11.87 -6.23 -7.76
CA ILE A 99 12.36 -7.12 -6.73
C ILE A 99 11.26 -7.84 -5.97
N LYS A 100 11.52 -9.10 -5.63
CA LYS A 100 10.61 -9.93 -4.85
C LYS A 100 11.46 -10.51 -3.74
N SER A 101 11.42 -9.89 -2.56
CA SER A 101 12.22 -10.36 -1.44
C SER A 101 11.37 -11.14 -0.44
N PRO A 102 12.01 -11.80 0.54
CA PRO A 102 11.26 -12.57 1.54
C PRO A 102 10.26 -11.75 2.36
N ILE A 103 9.08 -12.31 2.62
CA ILE A 103 8.10 -11.61 3.43
C ILE A 103 8.43 -11.93 4.89
N LEU A 104 8.91 -13.15 5.11
CA LEU A 104 9.28 -13.59 6.45
C LEU A 104 10.77 -13.28 6.64
N ILE A 105 11.08 -12.21 7.38
CA ILE A 105 12.47 -11.83 7.58
C ILE A 105 12.95 -12.00 9.01
N PRO A 106 14.27 -11.97 9.23
CA PRO A 106 14.88 -12.11 10.55
C PRO A 106 14.54 -10.94 11.45
N LEU A 107 14.38 -11.20 12.74
CA LEU A 107 14.08 -10.13 13.69
C LEU A 107 15.24 -9.16 13.74
N GLU A 108 16.44 -9.68 13.49
CA GLU A 108 17.65 -8.89 13.51
C GLU A 108 17.56 -7.69 12.57
N TYR A 109 16.77 -7.84 11.51
CA TYR A 109 16.57 -6.74 10.55
C TYR A 109 15.81 -5.60 11.20
N ILE A 110 14.90 -5.94 12.11
CA ILE A 110 14.10 -4.94 12.80
C ILE A 110 15.01 -4.07 13.66
N GLU A 111 15.83 -4.71 14.48
CA GLU A 111 16.77 -4.00 15.34
C GLU A 111 17.67 -3.09 14.50
N ARG A 112 18.20 -3.63 13.41
CA ARG A 112 19.10 -2.87 12.54
C ARG A 112 18.42 -1.76 11.75
N MET A 113 17.09 -1.75 11.78
CA MET A 113 16.35 -0.70 11.09
C MET A 113 16.13 0.46 12.06
N GLY A 114 16.72 0.34 13.25
CA GLY A 114 16.61 1.38 14.24
C GLY A 114 15.26 1.38 14.95
N ILE A 115 14.59 0.24 14.92
CA ILE A 115 13.29 0.11 15.56
C ILE A 115 13.46 -0.42 16.99
N ASP A 116 13.59 0.50 17.94
CA ASP A 116 13.75 0.13 19.34
C ASP A 116 12.42 0.27 20.08
N ASN A 117 12.42 -0.14 21.35
CA ASN A 117 11.23 -0.05 22.19
C ASN A 117 10.97 1.41 22.51
N ASP A 118 11.40 2.28 21.61
CA ASP A 118 11.23 3.72 21.76
C ASP A 118 10.23 4.22 20.72
N THR A 119 10.08 3.47 19.63
CA THR A 119 9.17 3.83 18.55
C THR A 119 7.89 3.01 18.60
N GLU A 120 6.88 3.49 17.87
CA GLU A 120 5.58 2.81 17.81
C GLU A 120 5.68 1.43 17.16
N LEU A 121 6.47 1.35 16.08
CA LEU A 121 6.63 0.09 15.35
C LEU A 121 7.00 -1.12 16.21
N SER A 122 7.85 -0.91 17.21
CA SER A 122 8.28 -1.99 18.08
C SER A 122 7.12 -2.82 18.65
N LYS A 123 5.96 -2.20 18.79
CA LYS A 123 4.80 -2.88 19.33
C LYS A 123 3.86 -3.41 18.26
N GLN A 124 4.23 -3.23 17.00
CA GLN A 124 3.39 -3.66 15.89
C GLN A 124 3.94 -4.87 15.15
N ILE A 125 5.04 -5.44 15.63
CA ILE A 125 5.64 -6.57 14.96
C ILE A 125 5.01 -7.92 15.27
N PHE A 126 4.68 -8.65 14.20
CA PHE A 126 4.11 -9.99 14.29
C PHE A 126 5.29 -10.94 14.27
N ARG A 127 5.61 -11.51 15.43
CA ARG A 127 6.74 -12.44 15.53
C ARG A 127 6.38 -13.83 15.07
N VAL A 128 7.36 -14.53 14.52
CA VAL A 128 7.19 -15.89 14.03
C VAL A 128 8.36 -16.67 14.58
N ASP A 129 8.08 -17.73 15.33
CA ASP A 129 9.13 -18.55 15.94
C ASP A 129 9.91 -17.67 16.91
N LYS A 130 11.20 -17.95 17.04
CA LYS A 130 12.01 -17.16 17.96
C LYS A 130 12.99 -16.22 17.27
N ASN A 131 13.23 -16.43 15.98
CA ASN A 131 14.18 -15.59 15.26
C ASN A 131 13.59 -14.81 14.10
N PHE A 132 12.33 -15.02 13.79
CA PHE A 132 11.73 -14.32 12.67
C PHE A 132 10.48 -13.53 12.97
N CYS A 133 10.07 -12.74 11.97
CA CYS A 133 8.87 -11.93 12.08
C CYS A 133 8.37 -11.66 10.68
N LEU A 134 7.19 -11.07 10.59
CA LEU A 134 6.63 -10.71 9.31
C LEU A 134 7.12 -9.30 9.00
N ARG A 135 7.70 -9.13 7.83
CA ARG A 135 8.20 -7.81 7.43
C ARG A 135 7.13 -6.73 7.63
N PRO A 136 7.42 -5.71 8.45
CA PRO A 136 6.46 -4.63 8.68
C PRO A 136 6.72 -3.53 7.63
N MET A 137 7.75 -3.75 6.82
CA MET A 137 8.14 -2.81 5.77
C MET A 137 9.11 -3.52 4.83
N LEU A 138 9.44 -2.87 3.72
CA LEU A 138 10.35 -3.43 2.72
C LEU A 138 11.78 -2.95 2.82
N ALA A 139 11.99 -1.87 3.58
CA ALA A 139 13.30 -1.25 3.74
C ALA A 139 14.52 -2.14 3.88
N PRO A 140 14.54 -3.03 4.88
CA PRO A 140 15.69 -3.91 5.06
C PRO A 140 16.14 -4.71 3.82
N ASN A 141 15.20 -5.37 3.15
CA ASN A 141 15.55 -6.15 1.97
C ASN A 141 16.05 -5.25 0.85
N LEU A 142 15.35 -4.14 0.60
CA LEU A 142 15.78 -3.22 -0.45
C LEU A 142 17.16 -2.66 -0.13
N TYR A 143 17.44 -2.44 1.16
CA TYR A 143 18.74 -1.95 1.59
C TYR A 143 19.82 -2.93 1.12
N ASN A 144 19.57 -4.21 1.36
CA ASN A 144 20.52 -5.25 0.95
C ASN A 144 20.70 -5.27 -0.55
N TYR A 145 19.61 -5.14 -1.29
CA TYR A 145 19.70 -5.16 -2.74
C TYR A 145 20.51 -3.99 -3.27
N LEU A 146 20.39 -2.82 -2.62
CA LEU A 146 21.12 -1.64 -3.03
C LEU A 146 22.63 -1.85 -2.84
N ARG A 147 23.02 -2.41 -1.70
CA ARG A 147 24.43 -2.64 -1.45
C ARG A 147 24.99 -3.63 -2.46
N LYS A 148 24.32 -4.75 -2.63
CA LYS A 148 24.77 -5.80 -3.55
C LYS A 148 24.74 -5.40 -5.02
N LEU A 149 23.65 -4.80 -5.48
CA LEU A 149 23.56 -4.40 -6.88
C LEU A 149 24.56 -3.30 -7.25
N ASP A 150 24.96 -2.51 -6.25
CA ASP A 150 25.90 -1.42 -6.48
C ASP A 150 27.22 -1.96 -7.03
N ARG A 151 27.53 -3.21 -6.70
CA ARG A 151 28.77 -3.84 -7.13
C ARG A 151 28.66 -4.48 -8.52
N ALA A 152 27.47 -4.47 -9.10
CA ALA A 152 27.29 -5.09 -10.40
C ALA A 152 26.63 -4.21 -11.45
N LEU A 153 25.85 -3.23 -11.02
CA LEU A 153 25.14 -2.40 -11.98
C LEU A 153 25.67 -0.99 -12.08
N PRO A 154 25.49 -0.35 -13.25
CA PRO A 154 25.93 1.02 -13.47
C PRO A 154 25.06 2.03 -12.71
N ASP A 155 25.71 3.05 -12.17
CA ASP A 155 25.02 4.09 -11.43
C ASP A 155 24.08 4.82 -12.39
N PRO A 156 22.86 5.16 -11.93
CA PRO A 156 22.30 4.91 -10.60
C PRO A 156 21.59 3.57 -10.51
N ILE A 157 21.47 3.03 -9.30
CA ILE A 157 20.78 1.77 -9.08
C ILE A 157 19.32 2.08 -8.77
N LYS A 158 18.40 1.55 -9.57
CA LYS A 158 16.97 1.80 -9.37
C LYS A 158 16.21 0.51 -9.17
N ILE A 159 15.59 0.36 -8.00
CA ILE A 159 14.83 -0.84 -7.68
C ILE A 159 13.50 -0.51 -7.04
N PHE A 160 12.61 -1.49 -7.02
CA PHE A 160 11.31 -1.31 -6.39
C PHE A 160 10.76 -2.69 -6.08
N GLU A 161 9.79 -2.73 -5.18
CA GLU A 161 9.16 -3.99 -4.81
C GLU A 161 7.74 -3.75 -4.33
N ILE A 162 6.85 -4.67 -4.69
CA ILE A 162 5.46 -4.57 -4.27
C ILE A 162 5.19 -5.88 -3.55
N GLY A 163 4.71 -5.81 -2.31
CA GLY A 163 4.42 -7.05 -1.60
C GLY A 163 3.77 -6.86 -0.25
N PRO A 164 3.31 -7.96 0.35
CA PRO A 164 2.65 -7.89 1.67
C PRO A 164 3.54 -7.38 2.82
N CYS A 165 2.93 -6.67 3.75
CA CYS A 165 3.62 -6.17 4.93
C CYS A 165 2.64 -6.33 6.09
N TYR A 166 3.16 -6.43 7.31
CA TYR A 166 2.34 -6.66 8.47
C TYR A 166 2.65 -5.82 9.71
N ARG A 167 1.61 -5.25 10.28
CA ARG A 167 1.70 -4.42 11.48
C ARG A 167 0.44 -4.59 12.33
N LYS A 168 0.60 -4.63 13.65
CA LYS A 168 -0.54 -4.73 14.56
C LYS A 168 -1.10 -3.31 14.64
N GLU A 169 -2.40 -3.15 14.41
CA GLU A 169 -3.00 -1.82 14.42
C GLU A 169 -4.24 -1.75 15.30
N SER A 170 -4.51 -0.54 15.80
CA SER A 170 -5.66 -0.27 16.65
C SER A 170 -6.81 0.27 15.79
N ASP A 171 -6.44 0.94 14.70
CA ASP A 171 -7.42 1.50 13.77
C ASP A 171 -7.85 0.47 12.73
N GLY A 172 -8.98 0.72 12.09
CA GLY A 172 -9.47 -0.20 11.08
C GLY A 172 -10.17 0.55 9.97
N LYS A 173 -9.98 1.85 9.94
CA LYS A 173 -10.60 2.69 8.94
C LYS A 173 -9.59 3.17 7.89
N GLU A 174 -8.32 3.18 8.27
CA GLU A 174 -7.25 3.59 7.37
C GLU A 174 -6.08 2.62 7.52
N HIS A 175 -6.23 1.66 8.43
CA HIS A 175 -5.18 0.67 8.69
C HIS A 175 -5.65 -0.77 8.58
N LEU A 176 -4.78 -1.61 8.03
CA LEU A 176 -5.01 -3.04 7.89
C LEU A 176 -3.82 -3.68 8.57
N GLU A 177 -3.96 -4.89 9.06
CA GLU A 177 -2.84 -5.54 9.71
C GLU A 177 -2.01 -6.27 8.66
N GLU A 178 -2.68 -6.62 7.57
CA GLU A 178 -2.06 -7.27 6.43
C GLU A 178 -2.31 -6.35 5.23
N PHE A 179 -1.32 -5.55 4.86
CA PHE A 179 -1.46 -4.65 3.72
C PHE A 179 -0.38 -4.85 2.66
N THR A 180 -0.53 -4.16 1.54
CA THR A 180 0.42 -4.27 0.45
C THR A 180 1.18 -2.97 0.25
N MET A 181 2.50 -3.07 0.18
CA MET A 181 3.33 -1.90 0.01
C MET A 181 4.15 -1.87 -1.25
N LEU A 182 4.35 -0.65 -1.72
CA LEU A 182 5.18 -0.38 -2.88
C LEU A 182 6.31 0.51 -2.37
N ASN A 183 7.53 0.09 -2.60
CA ASN A 183 8.69 0.88 -2.23
C ASN A 183 9.63 0.89 -3.41
N PHE A 184 9.87 2.08 -3.95
CA PHE A 184 10.80 2.22 -5.04
C PHE A 184 11.90 3.14 -4.52
N CYS A 185 13.09 3.03 -5.09
CA CYS A 185 14.17 3.90 -4.68
C CYS A 185 15.27 3.93 -5.71
N GLN A 186 16.00 5.03 -5.71
CA GLN A 186 17.11 5.23 -6.63
C GLN A 186 18.31 5.64 -5.78
N MET A 187 19.48 5.10 -6.10
CA MET A 187 20.69 5.43 -5.36
C MET A 187 21.78 5.85 -6.33
N GLY A 188 22.56 6.86 -5.95
CA GLY A 188 23.64 7.34 -6.81
C GLY A 188 23.33 8.68 -7.48
N SER A 189 23.42 8.72 -8.81
CA SER A 189 23.16 9.96 -9.55
C SER A 189 21.70 10.40 -9.50
N GLY A 190 21.49 11.71 -9.65
CA GLY A 190 20.17 12.29 -9.67
C GLY A 190 19.25 12.09 -8.47
N CYS A 191 19.80 11.78 -7.31
CA CYS A 191 18.97 11.58 -6.13
C CYS A 191 18.67 12.88 -5.42
N THR A 192 17.75 13.65 -5.99
CA THR A 192 17.38 14.92 -5.40
C THR A 192 15.90 14.95 -5.05
N ARG A 193 15.52 15.86 -4.17
CA ARG A 193 14.13 15.95 -3.77
C ARG A 193 13.27 16.29 -4.98
N GLU A 194 13.75 17.15 -5.86
CA GLU A 194 12.98 17.52 -7.03
C GLU A 194 12.66 16.30 -7.88
N ASN A 195 13.66 15.45 -8.08
CA ASN A 195 13.47 14.25 -8.89
C ASN A 195 12.48 13.32 -8.19
N LEU A 196 12.63 13.20 -6.88
CA LEU A 196 11.75 12.36 -6.09
C LEU A 196 10.29 12.82 -6.25
N GLU A 197 10.06 14.12 -6.12
CA GLU A 197 8.71 14.65 -6.24
C GLU A 197 8.17 14.49 -7.65
N SER A 198 9.08 14.51 -8.62
CA SER A 198 8.72 14.35 -10.02
C SER A 198 8.21 12.91 -10.23
N ILE A 199 8.90 11.93 -9.64
CA ILE A 199 8.50 10.53 -9.77
C ILE A 199 7.14 10.36 -9.09
N ILE A 200 7.03 10.85 -7.87
CA ILE A 200 5.78 10.77 -7.12
C ILE A 200 4.63 11.35 -7.95
N THR A 201 4.85 12.56 -8.48
CA THR A 201 3.83 13.24 -9.27
C THR A 201 3.41 12.50 -10.54
N ASP A 202 4.37 11.95 -11.27
CA ASP A 202 4.04 11.24 -12.50
C ASP A 202 3.28 9.97 -12.16
N PHE A 203 3.70 9.32 -11.07
CA PHE A 203 3.10 8.08 -10.62
C PHE A 203 1.61 8.26 -10.27
N LEU A 204 1.30 9.12 -9.30
CA LEU A 204 -0.08 9.36 -8.90
C LEU A 204 -0.96 9.96 -10.01
N ASN A 205 -0.37 10.81 -10.85
CA ASN A 205 -1.13 11.39 -11.96
C ASN A 205 -1.48 10.27 -12.94
N HIS A 206 -0.60 9.27 -13.05
CA HIS A 206 -0.82 8.14 -13.93
C HIS A 206 -2.00 7.29 -13.42
N LEU A 207 -2.08 7.12 -12.11
CA LEU A 207 -3.15 6.34 -11.51
C LEU A 207 -4.44 7.14 -11.31
N GLY A 208 -4.37 8.45 -11.47
CA GLY A 208 -5.55 9.27 -11.29
C GLY A 208 -5.91 9.47 -9.82
N ILE A 209 -4.89 9.70 -9.00
CA ILE A 209 -5.10 9.90 -7.59
C ILE A 209 -4.65 11.30 -7.19
N ASP A 210 -5.58 12.07 -6.62
CA ASP A 210 -5.31 13.44 -6.19
C ASP A 210 -4.41 13.39 -4.96
N PHE A 211 -3.48 14.34 -4.85
CA PHE A 211 -2.56 14.33 -3.73
C PHE A 211 -1.87 15.68 -3.55
N LYS A 212 -1.21 15.84 -2.41
CA LYS A 212 -0.46 17.03 -2.08
C LYS A 212 0.78 16.57 -1.33
N ILE A 213 1.93 17.07 -1.73
CA ILE A 213 3.19 16.71 -1.07
C ILE A 213 3.49 17.74 0.01
N VAL A 214 3.71 17.27 1.23
CA VAL A 214 4.02 18.15 2.35
C VAL A 214 5.28 17.65 3.06
N GLY A 215 5.90 18.51 3.86
CA GLY A 215 7.09 18.10 4.57
C GLY A 215 7.79 19.22 5.32
N GLY A 222 18.10 13.77 7.43
CA GLY A 222 17.52 13.47 6.14
C GLY A 222 16.16 14.11 5.90
N ASP A 223 15.97 14.63 4.69
CA ASP A 223 14.73 15.29 4.31
C ASP A 223 13.61 14.24 4.17
N THR A 224 12.44 14.55 4.73
CA THR A 224 11.30 13.63 4.68
C THR A 224 10.04 14.29 4.14
N LEU A 225 9.29 13.56 3.32
CA LEU A 225 8.05 14.08 2.75
C LEU A 225 6.90 13.12 2.99
N ASP A 226 5.70 13.68 2.97
CA ASP A 226 4.51 12.89 3.13
C ASP A 226 3.60 13.24 1.99
N VAL A 227 3.07 12.23 1.31
CA VAL A 227 2.16 12.46 0.21
C VAL A 227 0.79 12.24 0.85
N MET A 228 -0.03 13.29 0.85
CA MET A 228 -1.34 13.22 1.46
C MET A 228 -2.50 13.35 0.49
N HIS A 229 -3.64 12.82 0.91
CA HIS A 229 -4.90 12.90 0.18
C HIS A 229 -5.89 13.20 1.31
N GLY A 230 -6.26 14.48 1.44
CA GLY A 230 -7.13 14.85 2.53
C GLY A 230 -6.26 14.65 3.76
N ASP A 231 -6.77 13.91 4.73
CA ASP A 231 -5.97 13.64 5.94
C ASP A 231 -5.42 12.23 5.89
N LEU A 232 -5.54 11.58 4.74
CA LEU A 232 -5.03 10.23 4.57
C LEU A 232 -3.61 10.24 4.04
N GLU A 233 -2.70 9.58 4.78
CA GLU A 233 -1.31 9.49 4.36
C GLU A 233 -1.15 8.38 3.32
N LEU A 234 -0.87 8.80 2.10
CA LEU A 234 -0.71 7.89 0.97
C LEU A 234 0.70 7.34 0.96
N SER A 235 1.66 8.18 1.35
CA SER A 235 3.04 7.74 1.32
C SER A 235 3.99 8.58 2.14
N SER A 236 5.14 7.99 2.43
CA SER A 236 6.20 8.66 3.13
C SER A 236 7.42 8.46 2.24
N ALA A 237 8.08 9.57 1.94
CA ALA A 237 9.26 9.53 1.11
C ALA A 237 10.40 10.18 1.87
N VAL A 238 11.62 9.76 1.56
CA VAL A 238 12.79 10.32 2.22
C VAL A 238 13.90 10.55 1.21
N VAL A 239 14.67 11.61 1.43
CA VAL A 239 15.78 11.94 0.57
C VAL A 239 17.01 11.67 1.40
N GLY A 240 17.79 10.67 1.01
CA GLY A 240 18.99 10.35 1.74
C GLY A 240 20.13 11.24 1.30
N PRO A 241 21.34 11.01 1.82
CA PRO A 241 21.65 9.95 2.78
C PRO A 241 21.16 10.23 4.19
N ILE A 242 20.99 9.16 4.98
CA ILE A 242 20.57 9.27 6.38
C ILE A 242 21.51 8.40 7.21
N PRO A 243 21.71 8.73 8.48
CA PRO A 243 22.59 7.98 9.38
C PRO A 243 22.42 6.47 9.37
N LEU A 244 21.18 6.01 9.24
CA LEU A 244 20.90 4.57 9.23
C LEU A 244 21.58 3.84 8.07
N ASP A 245 21.88 4.57 7.00
CA ASP A 245 22.52 4.00 5.82
C ASP A 245 23.79 3.21 6.12
N ARG A 246 24.57 3.71 7.07
CA ARG A 246 25.84 3.10 7.43
C ARG A 246 25.71 1.67 7.94
N GLU A 247 24.66 1.40 8.73
CA GLU A 247 24.46 0.06 9.26
C GLU A 247 24.25 -0.96 8.15
N TRP A 248 23.78 -0.48 6.98
CA TRP A 248 23.52 -1.38 5.86
C TRP A 248 24.55 -1.35 4.73
N GLY A 249 25.65 -0.63 4.93
CA GLY A 249 26.68 -0.58 3.91
C GLY A 249 26.35 0.34 2.75
N ILE A 250 25.53 1.36 3.01
CA ILE A 250 25.16 2.32 1.99
C ILE A 250 25.97 3.59 2.22
N ASP A 251 26.49 4.16 1.13
CA ASP A 251 27.31 5.36 1.24
C ASP A 251 27.12 6.35 0.09
N LYS A 252 25.94 6.38 -0.50
CA LYS A 252 25.67 7.30 -1.60
C LYS A 252 24.34 7.98 -1.38
N PRO A 253 24.08 9.07 -2.11
CA PRO A 253 22.79 9.71 -1.90
C PRO A 253 21.72 8.78 -2.50
N TRP A 254 20.47 8.97 -2.08
CA TRP A 254 19.38 8.16 -2.60
C TRP A 254 18.05 8.80 -2.28
N ILE A 255 17.01 8.38 -3.00
CA ILE A 255 15.66 8.87 -2.78
C ILE A 255 14.73 7.66 -2.83
N GLY A 256 13.58 7.77 -2.17
CA GLY A 256 12.66 6.65 -2.18
C GLY A 256 11.38 6.96 -1.45
N ALA A 257 10.34 6.22 -1.79
CA ALA A 257 9.04 6.40 -1.18
C ALA A 257 8.34 5.07 -1.05
N GLY A 258 7.46 4.96 -0.05
CA GLY A 258 6.70 3.74 0.14
C GLY A 258 5.22 4.09 0.10
N PHE A 259 4.45 3.36 -0.70
CA PHE A 259 3.01 3.60 -0.83
C PHE A 259 2.19 2.37 -0.43
N GLY A 260 1.04 2.59 0.23
CA GLY A 260 0.18 1.48 0.60
C GLY A 260 -0.79 1.29 -0.54
N LEU A 261 -0.80 0.11 -1.16
CA LEU A 261 -1.70 -0.14 -2.28
C LEU A 261 -3.19 -0.09 -1.94
N GLU A 262 -3.56 -0.55 -0.74
CA GLU A 262 -4.96 -0.53 -0.34
C GLU A 262 -5.44 0.91 -0.16
N ARG A 263 -4.55 1.79 0.30
CA ARG A 263 -4.93 3.19 0.47
C ARG A 263 -5.12 3.85 -0.88
N LEU A 264 -4.30 3.48 -1.86
CA LEU A 264 -4.44 4.04 -3.20
C LEU A 264 -5.77 3.57 -3.76
N LEU A 265 -6.07 2.29 -3.53
CA LEU A 265 -7.32 1.72 -4.01
C LEU A 265 -8.49 2.42 -3.34
N LYS A 266 -8.36 2.69 -2.05
CA LYS A 266 -9.41 3.36 -1.29
C LYS A 266 -9.77 4.71 -1.92
N VAL A 267 -8.75 5.51 -2.19
CA VAL A 267 -8.94 6.82 -2.80
C VAL A 267 -9.53 6.69 -4.22
N LYS A 268 -8.89 5.89 -5.06
CA LYS A 268 -9.34 5.72 -6.44
C LYS A 268 -10.76 5.20 -6.61
N HIS A 269 -11.13 4.17 -5.87
CA HIS A 269 -12.47 3.62 -5.99
C HIS A 269 -13.45 4.24 -5.00
N ASP A 270 -12.95 5.20 -4.23
CA ASP A 270 -13.76 5.92 -3.27
C ASP A 270 -14.36 5.08 -2.15
N PHE A 271 -13.73 3.96 -1.82
CA PHE A 271 -14.24 3.12 -0.74
C PHE A 271 -14.21 3.96 0.51
N LYS A 272 -15.23 3.79 1.35
CA LYS A 272 -15.33 4.54 2.59
C LYS A 272 -14.51 3.89 3.67
N ASN A 273 -14.30 2.58 3.51
CA ASN A 273 -13.55 1.81 4.49
C ASN A 273 -12.43 1.02 3.81
N ILE A 274 -11.21 1.15 4.33
CA ILE A 274 -10.03 0.48 3.78
C ILE A 274 -10.22 -1.04 3.59
N LYS A 275 -11.05 -1.66 4.42
CA LYS A 275 -11.29 -3.11 4.35
C LYS A 275 -11.80 -3.64 3.00
N ARG A 276 -12.47 -2.78 2.23
CA ARG A 276 -12.99 -3.18 0.93
C ARG A 276 -11.92 -3.35 -0.14
N ALA A 277 -10.69 -3.00 0.19
CA ALA A 277 -9.61 -3.11 -0.77
C ALA A 277 -8.59 -4.17 -0.35
N ALA A 278 -8.72 -4.65 0.88
CA ALA A 278 -7.81 -5.62 1.45
C ALA A 278 -7.97 -7.05 0.97
N ARG A 279 -6.88 -7.82 1.09
CA ARG A 279 -6.95 -9.24 0.76
C ARG A 279 -8.04 -9.68 1.73
N SER A 280 -8.97 -10.50 1.28
CA SER A 280 -10.04 -10.89 2.18
C SER A 280 -10.97 -11.91 1.56
N GLY A 281 -11.90 -12.39 2.38
CA GLY A 281 -12.88 -13.34 1.92
C GLY A 281 -14.23 -12.66 1.98
N SER A 282 -14.23 -11.40 2.43
CA SER A 282 -15.44 -10.59 2.58
C SER A 282 -15.75 -9.67 1.41
N TYR A 283 -14.74 -9.35 0.60
CA TYR A 283 -14.97 -8.47 -0.53
C TYR A 283 -14.21 -8.93 -1.77
N TYR A 284 -14.68 -8.51 -2.94
CA TYR A 284 -13.98 -8.81 -4.16
C TYR A 284 -14.13 -7.58 -5.01
N ASN A 285 -13.00 -6.91 -5.29
CA ASN A 285 -13.04 -5.68 -6.07
C ASN A 285 -14.05 -4.72 -5.43
N GLY A 286 -14.06 -4.72 -4.09
CA GLY A 286 -14.96 -3.85 -3.36
C GLY A 286 -16.40 -4.32 -3.23
N ILE A 287 -16.76 -5.42 -3.88
CA ILE A 287 -18.13 -5.90 -3.76
C ILE A 287 -18.21 -6.92 -2.62
N SER A 288 -19.28 -6.84 -1.83
CA SER A 288 -19.47 -7.78 -0.74
C SER A 288 -19.72 -9.16 -1.31
N THR A 289 -19.06 -10.15 -0.74
CA THR A 289 -19.21 -11.53 -1.18
C THR A 289 -20.22 -12.21 -0.27
N ASN A 290 -20.75 -11.46 0.69
CA ASN A 290 -21.72 -12.00 1.62
C ASN A 290 -23.13 -11.65 1.11
N LEU A 291 -23.48 -12.29 0.01
CA LEU A 291 -24.76 -12.09 -0.67
C LEU A 291 -25.73 -13.24 -0.40
PG ANP B . 0.34 5.82 9.40
O1G ANP B . 0.29 4.61 10.26
O2G ANP B . -1.06 6.06 8.63
O3G ANP B . 0.61 7.17 10.22
PB ANP B . 2.91 5.21 8.78
O1B ANP B . 2.93 4.01 9.63
O2B ANP B . 3.97 6.25 8.77
N3B ANP B . 1.47 5.76 8.23
PA ANP B . 4.76 4.24 6.85
O1A ANP B . 5.50 3.47 7.87
O2A ANP B . 5.31 5.55 6.43
O3A ANP B . 3.25 4.49 7.38
O5' ANP B . 4.56 3.32 5.55
C5' ANP B . 4.42 3.89 4.24
C4' ANP B . 2.98 3.73 3.74
O4' ANP B . 2.52 2.38 3.92
C3' ANP B . 1.99 4.56 4.55
O3' ANP B . 2.05 5.91 4.09
C2' ANP B . 0.70 3.90 4.05
O2' ANP B . 0.38 4.33 2.72
C1' ANP B . 1.08 2.43 4.05
N9 ANP B . 0.72 1.80 5.34
C8 ANP B . 1.44 1.85 6.47
N7 ANP B . 0.81 1.16 7.42
C5 ANP B . -0.33 0.67 6.89
C6 ANP B . -1.38 -0.07 7.38
N6 ANP B . -1.39 -0.51 8.63
N1 ANP B . -2.41 -0.38 6.56
C2 ANP B . -2.42 0.03 5.30
N3 ANP B . -1.42 0.75 4.80
C4 ANP B . -0.37 1.08 5.56
C1 LBY C . 14.30 2.50 5.58
CT LBY C . 14.31 3.88 4.91
C2 LBY C . 13.46 4.85 5.73
C3 LBY C . 15.75 4.40 4.81
O2 LBY C . 13.74 3.77 3.60
CZ LBY C . 14.36 2.88 2.78
O1 LBY C . 15.43 2.40 3.13
NZ LBY C . 13.81 2.57 1.60
CE LBY C . 12.53 3.10 1.09
CD LBY C . 11.96 4.20 1.99
CG LBY C . 10.49 4.47 1.65
CB LBY C . 9.84 5.48 2.61
CA LBY C . 9.60 4.93 4.02
C LBY C . 8.59 3.78 3.98
OXT LBY C . 7.81 3.73 3.02
O LBY C . 8.64 2.96 4.93
N LBY C . 10.86 4.46 4.60
MG MG D . 1.92 3.57 11.58
MG MG E . 4.71 8.18 7.60
#